data_1TQM
#
_entry.id   1TQM
#
_cell.length_a   116.165
_cell.length_b   44.259
_cell.length_c   62.097
_cell.angle_alpha   90.00
_cell.angle_beta   94.38
_cell.angle_gamma   90.00
#
_symmetry.space_group_name_H-M   'C 1 2 1'
#
loop_
_entity.id
_entity.type
_entity.pdbx_description
1 polymer 'conserved hypothetical protein'
2 non-polymer 'PHOSPHOAMINOPHOSPHONIC ACID-ADENYLATE ESTER'
3 water water
#
_entity_poly.entity_id   1
_entity_poly.type   'polypeptide(L)'
_entity_poly.pdbx_seq_one_letter_code
;MNIAELYGKMGKHSWRIMDAIFKNLWDYEYVPLQLISSHARIGEEKARNILKYLSDLRVVQNRQKDYEGSTFTFIGLSLY
SLHRLVRSGKVDAIGKLMGEGKESAVFNCYSEKFGECVVKFHKVGHTSFKKVKEKRDYGDLHFSVLAIRSARNEFRALQK
LQGLAVPKVYAWEGNAVLMELIDAKELYRVRVENPDEVLDMILEEVAKFYHRGIVHGDLSQYNVLVSEEGIWIIDFPQSV
EVGEEGWREILERDVRNIITYFSRTYRTEKDINSAIDRILQE
;
_entity_poly.pdbx_strand_id   A
#
loop_
_chem_comp.id
_chem_comp.type
_chem_comp.name
_chem_comp.formula
ANP non-polymer 'PHOSPHOAMINOPHOSPHONIC ACID-ADENYLATE ESTER' 'C10 H17 N6 O12 P3'
#
# COMPACT_ATOMS: atom_id res chain seq x y z
N MET A 1 22.08 -0.87 5.25
CA MET A 1 21.92 -1.04 3.76
C MET A 1 20.57 -0.44 3.22
N ASN A 2 20.65 0.73 2.56
CA ASN A 2 19.43 1.34 1.99
C ASN A 2 18.92 0.57 0.75
N ILE A 3 17.64 0.77 0.44
CA ILE A 3 17.00 0.00 -0.62
C ILE A 3 17.72 0.27 -1.92
N ALA A 4 18.24 1.50 -2.14
CA ALA A 4 19.01 1.77 -3.37
C ALA A 4 20.32 1.00 -3.51
N GLU A 5 21.03 0.80 -2.40
CA GLU A 5 22.27 0.03 -2.45
C GLU A 5 21.93 -1.43 -2.63
N LEU A 6 20.87 -1.91 -1.96
CA LEU A 6 20.45 -3.27 -2.18
C LEU A 6 20.19 -3.53 -3.69
N TYR A 7 19.47 -2.59 -4.30
CA TYR A 7 19.06 -2.69 -5.71
C TYR A 7 20.36 -2.85 -6.57
N GLY A 8 21.38 -2.07 -6.23
CA GLY A 8 22.68 -2.09 -6.93
C GLY A 8 23.44 -3.43 -6.88
N LYS A 9 23.16 -4.22 -5.86
CA LYS A 9 23.76 -5.52 -5.71
C LYS A 9 23.11 -6.59 -6.53
N MET A 10 22.04 -6.26 -7.25
CA MET A 10 21.33 -7.28 -8.03
C MET A 10 21.79 -7.31 -9.45
N GLY A 11 22.14 -8.49 -9.95
CA GLY A 11 22.35 -8.71 -11.37
C GLY A 11 21.13 -9.33 -12.06
N LYS A 12 21.30 -9.54 -13.37
CA LYS A 12 20.27 -10.09 -14.20
C LYS A 12 19.80 -11.45 -13.67
N HIS A 13 20.73 -12.33 -13.30
CA HIS A 13 20.40 -13.64 -12.79
C HIS A 13 19.57 -13.53 -11.49
N SER A 14 19.92 -12.58 -10.64
CA SER A 14 19.20 -12.28 -9.39
C SER A 14 17.75 -11.94 -9.68
N TRP A 15 17.55 -11.04 -10.63
CA TRP A 15 16.17 -10.68 -11.02
C TRP A 15 15.40 -11.81 -11.58
N ARG A 16 16.01 -12.65 -12.45
CA ARG A 16 15.32 -13.83 -12.97
C ARG A 16 14.93 -14.78 -11.88
N ILE A 17 15.84 -14.99 -10.91
CA ILE A 17 15.45 -15.80 -9.76
C ILE A 17 14.22 -15.24 -9.00
N MET A 18 14.23 -13.97 -8.75
CA MET A 18 13.11 -13.33 -8.10
C MET A 18 11.79 -13.39 -8.94
N ASP A 19 11.91 -13.30 -10.25
CA ASP A 19 10.70 -13.36 -11.14
C ASP A 19 10.10 -14.74 -10.98
N ALA A 20 10.99 -15.77 -10.88
CA ALA A 20 10.52 -17.11 -10.79
C ALA A 20 9.83 -17.39 -9.48
N ILE A 21 10.30 -16.83 -8.37
CA ILE A 21 9.53 -16.86 -7.11
C ILE A 21 8.14 -16.19 -7.31
N PHE A 22 8.19 -14.93 -7.72
CA PHE A 22 6.96 -14.12 -7.88
C PHE A 22 5.89 -14.79 -8.74
N LYS A 23 6.26 -15.46 -9.80
CA LYS A 23 5.28 -16.06 -10.70
C LYS A 23 4.65 -17.38 -10.17
N ASN A 24 5.21 -17.90 -9.10
CA ASN A 24 4.75 -19.10 -8.48
C ASN A 24 4.22 -18.84 -7.09
N LEU A 25 4.01 -17.59 -6.70
CA LEU A 25 3.55 -17.31 -5.32
C LEU A 25 2.12 -17.75 -5.07
N TRP A 26 1.36 -17.81 -6.13
CA TRP A 26 -0.04 -18.12 -6.01
C TRP A 26 -0.26 -19.58 -5.80
N ASP A 27 0.67 -20.43 -6.14
CA ASP A 27 0.40 -21.76 -5.72
C ASP A 27 1.35 -22.32 -4.65
N TYR A 28 2.37 -21.56 -4.24
CA TYR A 28 3.17 -21.94 -3.07
C TYR A 28 3.59 -20.66 -2.30
N GLU A 29 3.67 -20.77 -1.00
CA GLU A 29 4.31 -19.78 -0.18
C GLU A 29 5.83 -19.94 -0.41
N TYR A 30 6.35 -21.15 -0.13
CA TYR A 30 7.77 -21.44 -0.43
C TYR A 30 7.90 -22.18 -1.72
N VAL A 31 8.34 -21.46 -2.72
CA VAL A 31 8.44 -21.99 -4.06
C VAL A 31 9.59 -23.02 -4.09
N PRO A 32 9.34 -24.24 -4.53
CA PRO A 32 10.40 -25.26 -4.65
C PRO A 32 11.57 -24.81 -5.51
N LEU A 33 12.80 -25.06 -5.03
CA LEU A 33 14.02 -24.78 -5.80
C LEU A 33 13.91 -25.32 -7.22
N GLN A 34 13.34 -26.54 -7.42
CA GLN A 34 13.33 -27.13 -8.76
C GLN A 34 12.55 -26.28 -9.73
N LEU A 35 11.50 -25.65 -9.23
CA LEU A 35 10.62 -24.82 -10.02
C LEU A 35 11.14 -23.43 -10.25
N ILE A 36 11.86 -22.89 -9.25
CA ILE A 36 12.57 -21.64 -9.44
C ILE A 36 13.60 -21.82 -10.53
N SER A 37 14.33 -22.92 -10.48
CA SER A 37 15.34 -23.25 -11.47
C SER A 37 14.75 -23.43 -12.88
N SER A 38 13.69 -24.23 -12.99
CA SER A 38 13.08 -24.51 -14.30
C SER A 38 12.52 -23.25 -14.90
N HIS A 39 11.82 -22.43 -14.10
CA HIS A 39 11.27 -21.16 -14.59
C HIS A 39 12.34 -20.18 -15.02
N ALA A 40 13.40 -20.07 -14.23
CA ALA A 40 14.40 -19.06 -14.48
C ALA A 40 15.37 -19.50 -15.57
N ARG A 41 15.31 -20.77 -15.96
CA ARG A 41 16.30 -21.40 -16.83
C ARG A 41 17.73 -21.25 -16.33
N ILE A 42 17.89 -21.47 -15.02
CA ILE A 42 19.19 -21.49 -14.33
C ILE A 42 19.28 -22.85 -13.69
N GLY A 43 20.45 -23.49 -13.81
CA GLY A 43 20.66 -24.80 -13.29
C GLY A 43 20.51 -24.76 -11.80
N GLU A 44 20.16 -25.89 -11.20
CA GLU A 44 19.78 -25.99 -9.79
C GLU A 44 20.86 -25.51 -8.86
N GLU A 45 22.10 -25.95 -9.09
CA GLU A 45 23.17 -25.61 -8.16
C GLU A 45 23.46 -24.08 -8.20
N LYS A 46 23.50 -23.48 -9.37
CA LYS A 46 23.63 -22.06 -9.46
C LYS A 46 22.40 -21.27 -8.85
N ALA A 47 21.18 -21.80 -8.98
CA ALA A 47 19.97 -21.17 -8.45
C ALA A 47 20.07 -21.22 -6.96
N ARG A 48 20.57 -22.34 -6.45
CA ARG A 48 20.71 -22.52 -5.03
C ARG A 48 21.69 -21.48 -4.48
N ASN A 49 22.81 -21.28 -5.15
CA ASN A 49 23.86 -20.31 -4.72
C ASN A 49 23.35 -18.85 -4.81
N ILE A 50 22.53 -18.56 -5.84
CA ILE A 50 21.84 -17.23 -5.89
C ILE A 50 20.92 -17.00 -4.71
N LEU A 51 20.07 -17.96 -4.42
CA LEU A 51 19.14 -17.86 -3.30
C LEU A 51 19.84 -17.75 -1.96
N LYS A 52 21.00 -18.43 -1.81
CA LYS A 52 21.77 -18.25 -0.58
C LYS A 52 22.28 -16.84 -0.45
N TYR A 53 22.77 -16.26 -1.52
CA TYR A 53 23.20 -14.89 -1.47
C TYR A 53 22.03 -13.91 -1.19
N LEU A 54 20.87 -14.12 -1.85
CA LEU A 54 19.70 -13.30 -1.63
C LEU A 54 19.26 -13.40 -0.18
N SER A 55 19.46 -14.54 0.43
CA SER A 55 19.05 -14.73 1.79
C SER A 55 20.01 -13.94 2.72
N ASP A 56 21.30 -13.92 2.33
CA ASP A 56 22.34 -13.18 3.12
C ASP A 56 21.98 -11.69 3.02
N LEU A 57 21.45 -11.27 1.86
CA LEU A 57 20.99 -9.89 1.71
C LEU A 57 19.56 -9.52 2.21
N ARG A 58 18.91 -10.51 2.84
CA ARG A 58 17.61 -10.45 3.48
C ARG A 58 16.49 -10.19 2.46
N VAL A 59 16.67 -10.66 1.25
CA VAL A 59 15.73 -10.49 0.12
C VAL A 59 14.79 -11.71 0.02
N VAL A 60 15.33 -12.90 0.30
CA VAL A 60 14.51 -14.11 0.38
C VAL A 60 14.72 -14.80 1.69
N GLN A 61 13.73 -15.60 2.04
CA GLN A 61 13.81 -16.56 3.12
C GLN A 61 13.76 -17.97 2.55
N ASN A 62 14.80 -18.76 2.85
CA ASN A 62 14.94 -20.14 2.39
C ASN A 62 14.55 -21.11 3.51
N ARG A 63 13.79 -22.12 3.16
CA ARG A 63 13.38 -23.16 4.12
C ARG A 63 13.85 -24.50 3.56
N GLN A 64 14.10 -25.41 4.48
CA GLN A 64 14.61 -26.73 4.10
C GLN A 64 13.85 -27.87 4.86
N LYS A 65 12.91 -27.55 5.75
CA LYS A 65 12.32 -28.52 6.72
C LYS A 65 11.61 -29.71 6.05
N ASP A 66 10.68 -29.37 5.17
CA ASP A 66 9.95 -30.34 4.36
C ASP A 66 10.60 -30.51 2.95
N TYR A 67 11.00 -29.38 2.34
CA TYR A 67 11.67 -29.36 1.05
C TYR A 67 12.45 -28.00 0.89
N GLU A 68 13.28 -27.93 -0.13
CA GLU A 68 14.09 -26.76 -0.38
C GLU A 68 13.21 -25.77 -1.13
N GLY A 69 12.78 -24.74 -0.41
CA GLY A 69 11.93 -23.73 -0.97
C GLY A 69 12.28 -22.33 -0.55
N SER A 70 11.80 -21.32 -1.27
CA SER A 70 12.12 -19.94 -0.96
C SER A 70 10.96 -19.02 -1.15
N THR A 71 10.93 -17.96 -0.37
CA THR A 71 9.95 -16.91 -0.57
C THR A 71 10.59 -15.55 -0.31
N PHE A 72 9.87 -14.50 -0.63
CA PHE A 72 10.26 -13.13 -0.40
C PHE A 72 10.14 -12.78 1.11
N THR A 73 11.07 -11.98 1.60
CA THR A 73 10.83 -11.16 2.79
C THR A 73 10.10 -9.92 2.35
N PHE A 74 9.66 -9.14 3.31
CA PHE A 74 9.17 -7.83 3.03
C PHE A 74 10.06 -6.99 2.13
N ILE A 75 11.33 -6.88 2.52
CA ILE A 75 12.31 -6.12 1.80
C ILE A 75 12.46 -6.60 0.36
N GLY A 76 12.46 -7.91 0.20
CA GLY A 76 12.67 -8.61 -1.06
C GLY A 76 11.48 -8.42 -2.02
N LEU A 77 10.28 -8.54 -1.47
CA LEU A 77 9.06 -8.35 -2.30
C LEU A 77 8.99 -6.83 -2.76
N SER A 78 9.37 -5.97 -1.83
CA SER A 78 9.45 -4.52 -2.09
C SER A 78 10.50 -4.21 -3.17
N LEU A 79 11.69 -4.82 -3.02
CA LEU A 79 12.79 -4.62 -3.95
C LEU A 79 12.39 -5.07 -5.37
N TYR A 80 11.75 -6.20 -5.43
CA TYR A 80 11.30 -6.78 -6.65
C TYR A 80 10.16 -5.96 -7.32
N SER A 81 9.25 -5.46 -6.51
CA SER A 81 8.17 -4.55 -6.97
C SER A 81 8.70 -3.23 -7.49
N LEU A 82 9.76 -2.74 -6.86
CA LEU A 82 10.48 -1.54 -7.31
C LEU A 82 11.12 -1.77 -8.67
N HIS A 83 11.75 -2.92 -8.81
CA HIS A 83 12.32 -3.33 -10.04
C HIS A 83 11.32 -3.33 -11.20
N ARG A 84 10.12 -3.88 -10.94
CA ARG A 84 9.05 -3.85 -11.94
C ARG A 84 8.69 -2.41 -12.31
N LEU A 85 8.62 -1.53 -11.33
CA LEU A 85 8.41 -0.12 -11.55
C LEU A 85 9.52 0.57 -12.38
N VAL A 86 10.79 0.25 -12.13
CA VAL A 86 11.93 0.83 -12.81
C VAL A 86 11.92 0.34 -14.27
N ARG A 87 11.64 -0.94 -14.48
CA ARG A 87 11.74 -1.56 -15.78
C ARG A 87 10.63 -1.06 -16.64
N SER A 88 9.53 -0.67 -16.01
CA SER A 88 8.38 -0.17 -16.75
C SER A 88 8.58 1.34 -17.09
N GLY A 89 9.67 1.91 -16.63
CA GLY A 89 9.89 3.35 -16.88
C GLY A 89 9.08 4.33 -16.05
N LYS A 90 8.46 3.86 -14.97
CA LYS A 90 7.59 4.72 -14.13
C LYS A 90 8.37 5.36 -12.97
N VAL A 91 9.47 4.73 -12.60
CA VAL A 91 10.35 5.22 -11.55
C VAL A 91 11.75 5.18 -12.04
N ASP A 92 12.48 6.22 -11.71
CA ASP A 92 13.85 6.31 -12.13
C ASP A 92 14.81 6.06 -10.97
N ALA A 93 14.50 6.56 -9.79
CA ALA A 93 15.44 6.41 -8.66
C ALA A 93 14.63 6.36 -7.39
N ILE A 94 14.85 5.38 -6.54
CA ILE A 94 14.17 5.41 -5.25
C ILE A 94 14.93 6.39 -4.41
N GLY A 95 14.23 7.02 -3.50
CA GLY A 95 14.77 7.98 -2.60
C GLY A 95 14.69 7.57 -1.14
N LYS A 96 14.59 8.55 -0.29
CA LYS A 96 14.62 8.35 1.15
C LYS A 96 13.31 7.82 1.70
N LEU A 97 13.42 7.03 2.77
CA LEU A 97 12.26 6.59 3.49
C LEU A 97 11.53 7.80 4.04
N MET A 98 10.21 7.84 3.86
CA MET A 98 9.44 8.90 4.47
C MET A 98 8.91 8.48 5.82
N GLY A 99 8.40 7.25 5.95
CA GLY A 99 8.02 6.68 7.24
C GLY A 99 7.59 5.22 7.01
N GLU A 100 7.51 4.45 8.09
CA GLU A 100 7.15 3.04 8.06
C GLU A 100 6.36 2.72 9.33
N GLY A 101 5.29 1.96 9.19
CA GLY A 101 4.53 1.40 10.31
C GLY A 101 4.33 -0.08 10.16
N LYS A 102 3.31 -0.59 10.83
CA LYS A 102 2.99 -2.01 10.79
C LYS A 102 2.39 -2.42 9.46
N GLU A 103 1.93 -1.46 8.65
CA GLU A 103 1.21 -1.82 7.43
C GLU A 103 1.95 -1.54 6.08
N SER A 104 2.94 -0.66 6.12
CA SER A 104 3.61 -0.17 4.90
C SER A 104 4.86 0.54 5.21
N ALA A 105 5.74 0.65 4.23
CA ALA A 105 6.87 1.59 4.27
C ALA A 105 6.64 2.48 3.05
N VAL A 106 6.70 3.81 3.25
CA VAL A 106 6.53 4.81 2.23
C VAL A 106 7.80 5.53 1.94
N PHE A 107 8.24 5.48 0.67
CA PHE A 107 9.44 6.15 0.21
C PHE A 107 9.14 7.26 -0.71
N ASN A 108 10.02 8.26 -0.64
CA ASN A 108 10.13 9.25 -1.66
C ASN A 108 10.75 8.59 -2.91
N CYS A 109 10.36 9.09 -4.09
CA CYS A 109 11.01 8.71 -5.34
C CYS A 109 10.77 9.76 -6.45
N TYR A 110 11.56 9.66 -7.49
CA TYR A 110 11.49 10.59 -8.62
C TYR A 110 11.21 9.84 -9.87
N SER A 111 10.25 10.35 -10.61
CA SER A 111 9.91 9.84 -11.93
C SER A 111 10.04 11.02 -12.95
N GLU A 112 10.79 10.80 -14.01
CA GLU A 112 10.79 11.75 -15.17
C GLU A 112 9.40 12.03 -15.67
N LYS A 113 8.55 11.00 -15.75
CA LYS A 113 7.19 11.18 -16.25
C LYS A 113 6.23 11.83 -15.24
N PHE A 114 6.32 11.44 -13.95
CA PHE A 114 5.31 11.85 -13.00
C PHE A 114 5.81 12.84 -11.92
N GLY A 115 7.09 13.20 -11.95
CA GLY A 115 7.71 14.12 -11.00
C GLY A 115 8.09 13.43 -9.66
N GLU A 116 8.03 14.19 -8.58
CA GLU A 116 8.50 13.71 -7.30
C GLU A 116 7.25 13.04 -6.68
N CYS A 117 7.35 11.74 -6.44
CA CYS A 117 6.27 10.87 -6.03
C CYS A 117 6.47 10.19 -4.67
N VAL A 118 5.48 9.42 -4.26
CA VAL A 118 5.73 8.39 -3.26
C VAL A 118 5.46 7.03 -3.83
N VAL A 119 6.26 6.08 -3.35
CA VAL A 119 6.01 4.67 -3.58
C VAL A 119 5.74 4.03 -2.23
N LYS A 120 4.64 3.32 -2.12
CA LYS A 120 4.25 2.75 -0.86
C LYS A 120 4.26 1.23 -1.00
N PHE A 121 5.07 0.61 -0.16
CA PHE A 121 5.27 -0.82 -0.16
C PHE A 121 4.41 -1.43 0.99
N HIS A 122 3.55 -2.35 0.65
CA HIS A 122 2.57 -2.88 1.57
C HIS A 122 3.12 -4.09 2.27
N LYS A 123 2.87 -4.17 3.57
CA LYS A 123 3.11 -5.35 4.36
C LYS A 123 1.77 -5.99 4.56
N VAL A 124 1.73 -7.09 5.29
CA VAL A 124 0.45 -7.58 5.84
C VAL A 124 -0.76 -7.37 4.93
N LYS A 131 -12.64 -18.60 4.75
CA LYS A 131 -12.53 -17.53 5.79
C LYS A 131 -12.33 -18.14 7.20
N VAL A 132 -11.08 -18.15 7.61
CA VAL A 132 -10.67 -18.73 8.88
C VAL A 132 -9.83 -17.68 9.64
N LYS A 133 -10.39 -17.11 10.72
CA LYS A 133 -9.65 -16.21 11.61
C LYS A 133 -8.79 -17.06 12.57
N GLU A 134 -7.48 -16.83 12.60
CA GLU A 134 -6.60 -17.50 13.60
C GLU A 134 -5.70 -16.45 14.21
N HIS A 142 1.10 -16.40 4.47
CA HIS A 142 0.84 -16.01 3.09
C HIS A 142 1.19 -14.55 2.82
N PHE A 143 2.31 -14.13 3.39
CA PHE A 143 2.73 -12.73 3.44
C PHE A 143 2.58 -12.03 2.08
N SER A 144 3.25 -12.62 1.10
CA SER A 144 3.44 -11.95 -0.16
C SER A 144 2.12 -11.79 -0.88
N VAL A 145 1.31 -12.84 -0.99
CA VAL A 145 0.10 -12.71 -1.82
C VAL A 145 -0.87 -11.70 -1.19
N LEU A 146 -0.94 -11.70 0.13
CA LEU A 146 -1.76 -10.77 0.89
C LEU A 146 -1.28 -9.30 0.77
N ALA A 147 0.02 -9.07 0.87
CA ALA A 147 0.59 -7.76 0.64
C ALA A 147 0.34 -7.25 -0.79
N ILE A 148 0.50 -8.11 -1.78
CA ILE A 148 0.19 -7.78 -3.15
C ILE A 148 -1.32 -7.46 -3.39
N ARG A 149 -2.19 -8.25 -2.80
CA ARG A 149 -3.62 -7.98 -2.80
C ARG A 149 -3.96 -6.60 -2.17
N SER A 150 -3.37 -6.29 -1.05
CA SER A 150 -3.55 -4.94 -0.45
C SER A 150 -3.14 -3.83 -1.34
N ALA A 151 -1.97 -3.96 -1.93
CA ALA A 151 -1.47 -2.99 -2.94
C ALA A 151 -2.45 -2.78 -4.09
N ARG A 152 -2.91 -3.88 -4.63
CA ARG A 152 -3.81 -3.79 -5.79
C ARG A 152 -5.11 -3.12 -5.41
N ASN A 153 -5.61 -3.46 -4.21
CA ASN A 153 -6.82 -2.86 -3.68
C ASN A 153 -6.71 -1.33 -3.51
N GLU A 154 -5.58 -0.87 -2.99
CA GLU A 154 -5.33 0.52 -2.88
C GLU A 154 -5.25 1.20 -4.23
N PHE A 155 -4.55 0.59 -5.20
CA PHE A 155 -4.43 1.15 -6.49
C PHE A 155 -5.84 1.30 -7.15
N ARG A 156 -6.65 0.25 -7.04
CA ARG A 156 -8.00 0.23 -7.71
C ARG A 156 -8.89 1.27 -7.07
N ALA A 157 -8.83 1.43 -5.74
CA ALA A 157 -9.63 2.46 -5.09
C ALA A 157 -9.20 3.86 -5.52
N LEU A 158 -7.89 4.11 -5.58
CA LEU A 158 -7.39 5.40 -6.01
C LEU A 158 -7.80 5.69 -7.47
N GLN A 159 -7.75 4.68 -8.30
CA GLN A 159 -8.18 4.89 -9.69
C GLN A 159 -9.65 5.29 -9.73
N LYS A 160 -10.48 4.66 -8.95
CA LYS A 160 -11.93 4.90 -8.98
C LYS A 160 -12.27 6.28 -8.39
N LEU A 161 -11.39 6.81 -7.52
CA LEU A 161 -11.55 8.10 -6.90
C LEU A 161 -10.92 9.29 -7.60
N GLN A 162 -10.35 9.10 -8.78
CA GLN A 162 -9.64 10.21 -9.40
C GLN A 162 -10.56 11.37 -9.70
N GLY A 163 -10.02 12.55 -9.48
CA GLY A 163 -10.77 13.77 -9.56
C GLY A 163 -11.23 14.24 -8.19
N LEU A 164 -11.26 13.39 -7.15
CA LEU A 164 -11.62 13.85 -5.80
C LEU A 164 -10.36 14.18 -5.04
N ALA A 165 -10.46 14.46 -3.74
CA ALA A 165 -9.26 14.97 -3.01
C ALA A 165 -8.44 13.76 -2.45
N VAL A 166 -7.81 13.06 -3.36
CA VAL A 166 -6.94 11.91 -3.09
C VAL A 166 -5.72 12.04 -4.00
N PRO A 167 -4.61 11.37 -3.75
CA PRO A 167 -3.47 11.47 -4.67
C PRO A 167 -3.80 10.92 -6.01
N LYS A 168 -3.25 11.50 -7.04
CA LYS A 168 -3.24 10.88 -8.35
C LYS A 168 -2.45 9.61 -8.21
N VAL A 169 -2.91 8.59 -8.93
CA VAL A 169 -2.25 7.27 -8.88
C VAL A 169 -1.58 6.93 -10.14
N TYR A 170 -0.35 6.38 -10.06
CA TYR A 170 0.43 6.23 -11.30
C TYR A 170 0.70 4.80 -11.69
N ALA A 171 0.90 3.91 -10.73
CA ALA A 171 1.19 2.53 -11.05
C ALA A 171 1.03 1.62 -9.86
N TRP A 172 0.91 0.34 -10.16
CA TRP A 172 0.88 -0.71 -9.14
C TRP A 172 1.71 -1.85 -9.70
N GLU A 173 2.68 -2.32 -8.91
CA GLU A 173 3.40 -3.60 -9.18
C GLU A 173 3.67 -4.31 -7.89
N GLY A 174 3.36 -5.60 -7.79
CA GLY A 174 3.67 -6.34 -6.57
C GLY A 174 3.02 -5.77 -5.33
N ASN A 175 3.77 -5.43 -4.30
CA ASN A 175 3.24 -4.87 -3.09
C ASN A 175 3.37 -3.32 -3.12
N ALA A 176 3.71 -2.76 -4.31
CA ALA A 176 3.99 -1.35 -4.48
C ALA A 176 2.91 -0.51 -5.23
N VAL A 177 2.56 0.64 -4.67
CA VAL A 177 1.71 1.63 -5.34
C VAL A 177 2.46 2.96 -5.45
N LEU A 178 2.62 3.43 -6.69
CA LEU A 178 3.21 4.71 -7.00
C LEU A 178 2.17 5.78 -7.16
N MET A 179 2.34 6.86 -6.43
CA MET A 179 1.32 7.92 -6.38
C MET A 179 1.94 9.27 -6.20
N GLU A 180 1.15 10.30 -6.40
CA GLU A 180 1.42 11.69 -6.16
C GLU A 180 1.79 12.02 -4.73
N LEU A 181 2.85 12.80 -4.58
CA LEU A 181 3.23 13.31 -3.29
C LEU A 181 2.33 14.45 -2.98
N ILE A 182 1.63 14.37 -1.87
CA ILE A 182 0.77 15.46 -1.46
C ILE A 182 1.56 16.30 -0.49
N ASP A 183 1.57 17.62 -0.68
CA ASP A 183 2.29 18.46 0.28
C ASP A 183 1.34 18.91 1.42
N ALA A 184 1.17 18.05 2.39
CA ALA A 184 0.26 18.32 3.50
C ALA A 184 0.58 17.45 4.67
N LYS A 185 0.15 17.85 5.85
CA LYS A 185 0.46 17.11 7.07
C LYS A 185 -0.71 16.26 7.53
N GLU A 186 -0.42 15.18 8.21
CA GLU A 186 -1.51 14.42 8.82
C GLU A 186 -2.31 15.35 9.74
N LEU A 187 -3.63 15.24 9.64
CA LEU A 187 -4.56 16.00 10.52
C LEU A 187 -4.12 15.91 11.99
N TYR A 188 -3.68 14.76 12.40
CA TYR A 188 -3.42 14.57 13.83
C TYR A 188 -2.25 15.48 14.35
N ARG A 189 -1.45 16.01 13.43
CA ARG A 189 -0.32 16.90 13.74
C ARG A 189 -0.67 18.36 13.60
N VAL A 190 -1.89 18.70 13.20
CA VAL A 190 -2.26 20.09 12.96
C VAL A 190 -3.38 20.52 13.90
N ARG A 191 -3.22 21.68 14.54
CA ARG A 191 -4.28 22.27 15.32
C ARG A 191 -5.14 23.16 14.42
N VAL A 192 -6.26 22.65 13.92
CA VAL A 192 -7.07 23.48 13.06
C VAL A 192 -7.95 24.41 13.92
N GLU A 193 -8.15 25.62 13.44
CA GLU A 193 -8.92 26.65 14.10
C GLU A 193 -10.34 26.65 13.65
N ASN A 194 -10.66 25.87 12.61
CA ASN A 194 -12.00 25.69 12.13
C ASN A 194 -12.36 24.16 12.06
N PRO A 195 -12.30 23.48 13.18
CA PRO A 195 -12.54 22.02 13.20
C PRO A 195 -13.90 21.62 12.68
N ASP A 196 -14.95 22.41 12.93
CA ASP A 196 -16.27 22.02 12.46
C ASP A 196 -16.36 21.92 10.93
N GLU A 197 -15.75 22.88 10.27
CA GLU A 197 -15.72 22.97 8.83
C GLU A 197 -14.78 21.89 8.27
N VAL A 198 -13.68 21.62 8.95
CA VAL A 198 -12.80 20.55 8.47
C VAL A 198 -13.50 19.16 8.55
N LEU A 199 -14.14 18.87 9.68
CA LEU A 199 -14.90 17.67 9.84
C LEU A 199 -15.96 17.57 8.74
N ASP A 200 -16.70 18.64 8.47
CA ASP A 200 -17.69 18.61 7.38
C ASP A 200 -17.07 18.35 6.01
N MET A 201 -15.90 18.92 5.75
CA MET A 201 -15.24 18.64 4.48
C MET A 201 -14.85 17.15 4.41
N ILE A 202 -14.40 16.56 5.53
CA ILE A 202 -14.02 15.13 5.48
C ILE A 202 -15.29 14.26 5.18
N LEU A 203 -16.37 14.58 5.84
CA LEU A 203 -17.61 13.86 5.73
C LEU A 203 -18.21 14.03 4.36
N GLU A 204 -18.12 15.22 3.80
CA GLU A 204 -18.51 15.37 2.40
C GLU A 204 -17.66 14.52 1.42
N GLU A 205 -16.36 14.40 1.67
CA GLU A 205 -15.55 13.61 0.82
C GLU A 205 -15.92 12.14 0.95
N VAL A 206 -16.26 11.70 2.16
CA VAL A 206 -16.70 10.32 2.41
C VAL A 206 -17.96 10.06 1.59
N ALA A 207 -18.89 11.00 1.58
CA ALA A 207 -20.15 10.89 0.74
C ALA A 207 -19.81 10.79 -0.71
N LYS A 208 -18.83 11.60 -1.17
CA LYS A 208 -18.36 11.43 -2.55
C LYS A 208 -17.77 10.09 -2.87
N PHE A 209 -16.98 9.53 -1.96
CA PHE A 209 -16.48 8.18 -2.17
C PHE A 209 -17.66 7.22 -2.31
N TYR A 210 -18.56 7.29 -1.35
CA TYR A 210 -19.72 6.41 -1.27
C TYR A 210 -20.57 6.51 -2.59
N HIS A 211 -20.70 7.69 -3.13
CA HIS A 211 -21.42 7.87 -4.45
C HIS A 211 -20.62 7.23 -5.60
N ARG A 212 -19.29 7.07 -5.45
CA ARG A 212 -18.53 6.35 -6.42
C ARG A 212 -18.45 4.86 -6.16
N GLY A 213 -19.15 4.37 -5.13
CA GLY A 213 -19.15 2.96 -4.82
C GLY A 213 -17.96 2.50 -3.99
N ILE A 214 -17.33 3.44 -3.27
CA ILE A 214 -16.14 3.11 -2.44
C ILE A 214 -16.33 3.53 -0.96
N VAL A 215 -15.92 2.64 -0.08
CA VAL A 215 -15.77 2.91 1.35
C VAL A 215 -14.25 2.79 1.72
N HIS A 216 -13.76 3.81 2.40
CA HIS A 216 -12.35 3.95 2.70
C HIS A 216 -11.87 2.76 3.53
N GLY A 217 -12.51 2.49 4.65
CA GLY A 217 -12.28 1.29 5.44
C GLY A 217 -11.24 1.41 6.56
N ASP A 218 -10.57 2.54 6.66
CA ASP A 218 -9.61 2.74 7.77
C ASP A 218 -9.45 4.22 8.09
N LEU A 219 -10.51 5.01 7.93
CA LEU A 219 -10.44 6.46 8.06
C LEU A 219 -10.04 6.93 9.43
N SER A 220 -9.06 7.81 9.46
CA SER A 220 -8.58 8.25 10.73
C SER A 220 -7.85 9.57 10.60
N GLN A 221 -7.41 10.06 11.76
CA GLN A 221 -6.61 11.24 11.82
C GLN A 221 -5.21 11.09 11.22
N TYR A 222 -4.79 9.87 10.94
CA TYR A 222 -3.48 9.60 10.35
C TYR A 222 -3.53 9.53 8.84
N ASN A 223 -4.74 9.49 8.24
CA ASN A 223 -4.78 9.45 6.80
C ASN A 223 -5.73 10.50 6.16
N VAL A 224 -6.17 11.50 6.94
CA VAL A 224 -6.61 12.76 6.40
C VAL A 224 -5.40 13.69 6.43
N LEU A 225 -5.01 14.24 5.28
CA LEU A 225 -3.97 15.22 5.25
C LEU A 225 -4.59 16.60 5.14
N VAL A 226 -3.95 17.59 5.79
CA VAL A 226 -4.46 18.94 5.71
C VAL A 226 -3.38 19.94 5.40
N SER A 227 -3.75 20.92 4.58
CA SER A 227 -2.99 22.18 4.44
C SER A 227 -3.96 23.34 4.43
N GLU A 228 -3.44 24.57 4.37
CA GLU A 228 -4.26 25.77 4.25
C GLU A 228 -5.11 25.62 3.01
N GLU A 229 -4.55 24.90 2.02
CA GLU A 229 -5.27 24.67 0.77
C GLU A 229 -6.56 23.82 0.88
N GLY A 230 -6.57 22.84 1.78
CA GLY A 230 -7.71 21.92 1.88
C GLY A 230 -7.28 20.59 2.47
N ILE A 231 -8.12 19.57 2.30
CA ILE A 231 -7.80 18.26 2.82
C ILE A 231 -7.60 17.33 1.66
N TRP A 232 -6.91 16.24 1.94
CA TRP A 232 -6.77 15.09 1.08
C TRP A 232 -6.96 13.84 1.94
N ILE A 233 -7.40 12.75 1.34
CA ILE A 233 -7.47 11.51 2.03
C ILE A 233 -6.61 10.47 1.30
N ILE A 234 -5.85 9.74 2.12
CA ILE A 234 -4.98 8.67 1.64
C ILE A 234 -5.31 7.36 2.34
N ASP A 235 -4.61 6.29 1.91
CA ASP A 235 -4.58 5.03 2.61
C ASP A 235 -5.80 4.12 2.39
N PHE A 236 -5.86 3.55 1.19
CA PHE A 236 -7.02 2.70 0.76
C PHE A 236 -6.83 1.17 0.71
N PRO A 237 -5.84 0.56 1.38
CA PRO A 237 -5.70 -0.89 1.27
C PRO A 237 -6.86 -1.71 1.96
N GLN A 238 -7.58 -1.15 2.90
CA GLN A 238 -8.74 -1.80 3.55
C GLN A 238 -10.03 -1.34 2.93
N SER A 239 -9.96 -0.62 1.81
CA SER A 239 -11.18 -0.13 1.17
C SER A 239 -12.05 -1.30 0.59
N VAL A 240 -13.34 -1.07 0.52
CA VAL A 240 -14.27 -2.01 -0.05
C VAL A 240 -15.20 -1.31 -0.97
N GLU A 241 -15.81 -2.11 -1.84
CA GLU A 241 -16.85 -1.67 -2.73
C GLU A 241 -18.16 -1.70 -2.03
N VAL A 242 -18.94 -0.67 -2.23
CA VAL A 242 -20.32 -0.64 -1.80
C VAL A 242 -21.08 -1.90 -2.31
N GLY A 243 -21.72 -2.55 -1.36
CA GLY A 243 -22.30 -3.89 -1.46
C GLY A 243 -21.46 -5.15 -1.43
N GLU A 244 -20.14 -5.16 -1.28
CA GLU A 244 -19.41 -6.03 -0.34
C GLU A 244 -19.80 -6.31 1.10
N GLU A 245 -19.50 -7.53 1.51
CA GLU A 245 -19.86 -8.04 2.81
C GLU A 245 -19.37 -7.02 3.85
N GLY A 246 -20.30 -6.50 4.65
CA GLY A 246 -20.00 -5.59 5.74
C GLY A 246 -19.78 -4.13 5.30
N TRP A 247 -19.99 -3.81 4.02
CA TRP A 247 -19.68 -2.43 3.56
C TRP A 247 -20.34 -1.35 4.41
N ARG A 248 -21.58 -1.55 4.84
CA ARG A 248 -22.32 -0.49 5.52
C ARG A 248 -21.75 -0.25 6.92
N GLU A 249 -21.46 -1.31 7.62
CA GLU A 249 -20.86 -1.25 8.94
C GLU A 249 -19.43 -0.65 8.85
N ILE A 250 -18.67 -0.99 7.79
CA ILE A 250 -17.35 -0.42 7.56
C ILE A 250 -17.45 1.13 7.33
N LEU A 251 -18.44 1.56 6.54
CA LEU A 251 -18.73 2.96 6.33
C LEU A 251 -19.10 3.68 7.63
N GLU A 252 -19.97 3.08 8.41
CA GLU A 252 -20.37 3.69 9.67
C GLU A 252 -19.20 3.84 10.58
N ARG A 253 -18.30 2.86 10.52
CA ARG A 253 -17.13 2.90 11.40
C ARG A 253 -16.21 4.06 10.99
N ASP A 254 -16.03 4.29 9.68
CA ASP A 254 -15.23 5.45 9.25
C ASP A 254 -15.80 6.78 9.74
N VAL A 255 -17.13 6.92 9.62
CA VAL A 255 -17.80 8.11 10.02
C VAL A 255 -17.73 8.27 11.48
N ARG A 256 -18.03 7.21 12.22
CA ARG A 256 -17.98 7.30 13.67
C ARG A 256 -16.55 7.57 14.20
N ASN A 257 -15.55 6.93 13.59
CA ASN A 257 -14.19 7.09 14.06
C ASN A 257 -13.68 8.56 13.85
N ILE A 258 -14.01 9.15 12.71
CA ILE A 258 -13.49 10.46 12.41
C ILE A 258 -14.22 11.47 13.30
N ILE A 259 -15.53 11.31 13.40
CA ILE A 259 -16.28 12.15 14.31
C ILE A 259 -15.80 12.08 15.76
N THR A 260 -15.51 10.87 16.24
CA THR A 260 -15.00 10.67 17.58
C THR A 260 -13.65 11.35 17.76
N TYR A 261 -12.76 11.31 16.76
CA TYR A 261 -11.50 12.03 16.92
C TYR A 261 -11.75 13.55 17.10
N PHE A 262 -12.67 14.11 16.34
CA PHE A 262 -12.97 15.52 16.44
C PHE A 262 -13.60 15.88 17.79
N SER A 263 -14.40 14.97 18.32
CA SER A 263 -14.99 15.13 19.66
C SER A 263 -13.95 15.15 20.74
N ARG A 264 -13.04 14.19 20.73
CA ARG A 264 -11.96 14.14 21.68
C ARG A 264 -11.03 15.37 21.56
N THR A 265 -10.66 15.75 20.36
CA THR A 265 -9.61 16.76 20.17
C THR A 265 -10.16 18.15 20.26
N TYR A 266 -11.34 18.36 19.72
CA TYR A 266 -11.92 19.71 19.61
C TYR A 266 -13.26 19.94 20.29
N ARG A 267 -13.86 18.88 20.83
CA ARG A 267 -15.22 18.94 21.39
C ARG A 267 -16.22 19.43 20.43
N THR A 268 -16.01 19.15 19.16
CA THR A 268 -17.02 19.29 18.17
C THR A 268 -18.30 18.50 18.56
N GLU A 269 -19.46 19.04 18.22
CA GLU A 269 -20.74 18.53 18.65
C GLU A 269 -21.52 17.58 17.67
N LYS A 270 -20.96 17.29 16.53
CA LYS A 270 -21.65 16.50 15.50
C LYS A 270 -22.27 15.17 15.98
N ASP A 271 -23.51 14.89 15.63
CA ASP A 271 -24.12 13.64 16.08
C ASP A 271 -23.75 12.50 15.11
N ILE A 272 -23.16 11.42 15.63
CA ILE A 272 -22.70 10.29 14.80
C ILE A 272 -23.83 9.64 14.02
N ASN A 273 -24.89 9.15 14.66
CA ASN A 273 -25.97 8.49 13.88
C ASN A 273 -26.59 9.33 12.79
N SER A 274 -26.80 10.61 13.06
CA SER A 274 -27.35 11.52 12.08
C SER A 274 -26.39 11.82 10.96
N ALA A 275 -25.08 11.92 11.25
CA ALA A 275 -24.14 12.10 10.17
C ALA A 275 -24.11 10.89 9.24
N ILE A 276 -24.22 9.72 9.82
CA ILE A 276 -24.19 8.49 9.03
C ILE A 276 -25.47 8.51 8.09
N ASP A 277 -26.61 8.83 8.67
CA ASP A 277 -27.90 8.75 7.92
C ASP A 277 -27.87 9.71 6.82
N ARG A 278 -27.22 10.87 7.05
CA ARG A 278 -27.10 11.84 6.00
C ARG A 278 -26.30 11.35 4.77
N ILE A 279 -25.12 10.77 5.04
CA ILE A 279 -24.29 10.26 3.98
C ILE A 279 -25.04 9.16 3.27
N LEU A 280 -25.58 8.24 4.02
CA LEU A 280 -26.27 7.11 3.45
C LEU A 280 -27.49 7.47 2.61
N GLN A 281 -28.18 8.59 2.85
CA GLN A 281 -29.44 8.89 2.12
C GLN A 281 -29.22 9.39 0.71
N GLU A 282 -28.07 10.02 0.49
CA GLU A 282 -27.79 10.66 -0.80
C GLU A 282 -27.92 9.67 -1.98
PG ANP B . -2.02 4.78 8.62
O1G ANP B . -0.82 5.39 9.48
O2G ANP B . -3.21 4.11 9.44
O3G ANP B . -2.68 6.02 7.91
PB ANP B . -0.10 3.48 6.77
O1B ANP B . 0.99 4.20 7.63
O2B ANP B . 0.66 2.09 6.56
N3B ANP B . -1.64 3.46 7.51
PA ANP B . -0.43 5.61 4.93
O1A ANP B . -1.10 5.69 3.41
O2A ANP B . -1.40 6.36 5.88
O3A ANP B . -0.06 4.14 5.30
O5' ANP B . 0.98 6.28 4.77
C5' ANP B . 1.81 6.59 5.97
C4' ANP B . 2.17 8.08 5.97
O4' ANP B . 3.06 8.55 4.90
C3' ANP B . 0.97 9.02 6.04
O3' ANP B . 0.17 9.17 7.24
C2' ANP B . 1.45 10.24 5.36
O2' ANP B . 1.97 11.01 6.48
C1' ANP B . 2.65 9.82 4.51
N9 ANP B . 2.14 9.59 3.10
C8 ANP B . 1.66 8.45 2.55
N7 ANP B . 1.19 8.60 1.27
C5 ANP B . 1.44 9.88 0.99
C6 ANP B . 1.27 10.84 -0.08
N6 ANP B . 0.73 10.35 -1.21
N1 ANP B . 1.65 12.14 0.06
C2 ANP B . 2.21 12.64 1.21
N3 ANP B . 2.41 11.87 2.27
C4 ANP B . 1.96 10.49 2.21
#